data_1XXC
#
_entry.id   1XXC
#
_cell.length_a   54.300
_cell.length_b   86.700
_cell.length_c   213.700
_cell.angle_alpha   90.00
_cell.angle_beta   90.00
_cell.angle_gamma   90.00
#
_symmetry.space_group_name_H-M   'C 2 2 21'
#
_entity_poly.entity_id   1
_entity_poly.type   'polypeptide(L)'
_entity_poly.pdbx_seq_one_letter_code
;MSPLKNLVLDIDYNDAVVVIHTSPGAAQLIARLLDSLGKAEGILGTIAGDDTIFTTPANGFTVKDLYEAILELFDQEL
;
_entity_poly.pdbx_strand_id   A,B,C,D,E,F
#
# COMPACT_ATOMS: atom_id res chain seq x y z
N PRO A 3 4.70 -19.93 -3.05
CA PRO A 3 5.76 -19.09 -2.47
C PRO A 3 7.09 -18.91 -3.30
N LEU A 4 7.43 -19.96 -4.04
CA LEU A 4 8.66 -20.09 -4.86
C LEU A 4 9.35 -18.90 -5.49
N LYS A 5 10.65 -18.82 -5.19
CA LYS A 5 11.60 -17.78 -5.62
C LYS A 5 11.71 -17.42 -7.09
N ASN A 6 10.94 -18.11 -7.93
CA ASN A 6 10.86 -17.88 -9.37
C ASN A 6 9.94 -16.68 -9.65
N LEU A 7 9.62 -15.97 -8.56
CA LEU A 7 8.81 -14.75 -8.57
C LEU A 7 9.75 -13.51 -8.72
N VAL A 8 11.03 -13.70 -8.37
CA VAL A 8 12.07 -12.70 -8.47
C VAL A 8 12.42 -12.60 -9.93
N LEU A 9 12.26 -11.42 -10.49
CA LEU A 9 12.56 -11.19 -11.91
C LEU A 9 13.96 -10.70 -12.20
N ASP A 10 14.73 -10.35 -11.17
CA ASP A 10 16.08 -9.83 -11.36
C ASP A 10 16.59 -9.37 -10.02
N ILE A 11 17.87 -9.04 -9.94
CA ILE A 11 18.49 -8.54 -8.73
C ILE A 11 19.77 -7.79 -9.17
N ASP A 12 19.90 -6.54 -8.72
CA ASP A 12 21.05 -5.71 -9.07
C ASP A 12 21.33 -4.89 -7.80
N TYR A 13 22.28 -3.96 -7.85
CA TYR A 13 22.60 -3.11 -6.72
C TYR A 13 23.56 -2.03 -7.18
N ASN A 14 23.96 -1.17 -6.25
CA ASN A 14 24.87 -0.07 -6.53
C ASN A 14 25.27 0.43 -5.17
N ASP A 15 25.62 1.71 -5.04
CA ASP A 15 25.98 2.22 -3.70
C ASP A 15 24.87 3.00 -3.02
N ALA A 16 24.12 2.28 -2.19
CA ALA A 16 23.03 2.82 -1.38
C ALA A 16 22.10 1.68 -0.99
N VAL A 17 21.54 1.04 -2.02
CA VAL A 17 20.55 0.01 -1.88
C VAL A 17 20.57 -0.97 -3.03
N VAL A 18 20.23 -2.23 -2.76
CA VAL A 18 20.14 -3.33 -3.75
C VAL A 18 18.73 -3.27 -4.30
N VAL A 19 18.55 -3.61 -5.55
CA VAL A 19 17.22 -3.52 -6.11
C VAL A 19 16.74 -4.74 -6.87
N ILE A 20 15.91 -5.51 -6.15
CA ILE A 20 15.26 -6.77 -6.52
C ILE A 20 13.89 -6.51 -7.16
N HIS A 21 13.63 -7.08 -8.33
CA HIS A 21 12.33 -6.92 -9.02
C HIS A 21 11.59 -8.23 -8.94
N THR A 22 10.31 -8.19 -9.26
CA THR A 22 9.52 -9.42 -9.19
C THR A 22 8.27 -9.45 -10.07
N SER A 23 7.75 -10.66 -10.26
CA SER A 23 6.56 -10.84 -11.06
C SER A 23 5.48 -10.02 -10.34
N PRO A 24 4.50 -9.52 -11.10
CA PRO A 24 3.37 -8.74 -10.56
C PRO A 24 2.79 -9.27 -9.21
N GLY A 25 2.83 -8.41 -8.19
CA GLY A 25 2.31 -8.75 -6.88
C GLY A 25 3.32 -9.35 -5.94
N ALA A 26 4.20 -10.18 -6.48
CA ALA A 26 5.21 -10.87 -5.68
C ALA A 26 5.97 -9.99 -4.72
N ALA A 27 6.04 -8.69 -5.04
CA ALA A 27 6.75 -7.71 -4.25
C ALA A 27 6.87 -8.08 -2.77
N GLN A 28 5.76 -7.91 -2.07
CA GLN A 28 5.64 -8.16 -0.63
C GLN A 28 6.17 -9.46 -0.08
N LEU A 29 5.61 -10.56 -0.59
CA LEU A 29 5.93 -11.95 -0.19
C LEU A 29 7.42 -12.17 -0.14
N ILE A 30 8.10 -11.83 -1.23
CA ILE A 30 9.53 -12.03 -1.34
C ILE A 30 10.29 -11.22 -0.32
N ALA A 31 9.86 -9.98 -0.10
CA ALA A 31 10.52 -9.15 0.90
C ALA A 31 10.46 -9.83 2.26
N ARG A 32 9.48 -10.72 2.47
CA ARG A 32 9.30 -11.45 3.74
C ARG A 32 10.56 -12.27 4.07
N LEU A 33 10.92 -13.15 3.16
CA LEU A 33 12.10 -13.98 3.32
C LEU A 33 13.16 -13.03 3.87
N LEU A 34 13.26 -11.88 3.21
CA LEU A 34 14.20 -10.83 3.56
C LEU A 34 13.99 -10.37 4.99
N ASP A 35 12.76 -9.99 5.31
CA ASP A 35 12.42 -9.51 6.65
C ASP A 35 13.00 -10.44 7.67
N SER A 36 13.27 -11.67 7.25
CA SER A 36 13.89 -12.67 8.08
C SER A 36 15.42 -12.71 7.80
N LEU A 37 16.06 -11.53 7.85
CA LEU A 37 17.51 -11.38 7.65
C LEU A 37 18.15 -10.68 8.85
N GLY A 38 17.68 -9.49 9.19
CA GLY A 38 18.25 -8.78 10.33
C GLY A 38 19.61 -8.16 10.15
N LYS A 39 19.90 -7.17 10.98
CA LYS A 39 21.18 -6.49 10.92
C LYS A 39 22.30 -7.52 11.01
N ALA A 40 22.06 -8.55 11.81
CA ALA A 40 22.99 -9.67 12.02
C ALA A 40 23.55 -10.12 10.68
N GLU A 41 22.67 -10.28 9.71
CA GLU A 41 23.10 -10.71 8.39
C GLU A 41 23.40 -9.50 7.51
N GLY A 42 22.99 -8.31 7.94
CA GLY A 42 23.26 -7.10 7.17
C GLY A 42 22.14 -6.39 6.44
N ILE A 43 20.89 -6.75 6.69
CA ILE A 43 19.83 -6.02 6.03
C ILE A 43 19.26 -5.07 7.06
N LEU A 44 19.69 -3.81 6.95
CA LEU A 44 19.31 -2.71 7.84
C LEU A 44 17.85 -2.34 7.75
N GLY A 45 17.24 -2.65 6.62
CA GLY A 45 15.84 -2.37 6.43
C GLY A 45 15.53 -2.72 4.98
N THR A 46 14.27 -3.04 4.69
CA THR A 46 13.86 -3.37 3.33
C THR A 46 12.49 -2.81 3.14
N ILE A 47 12.35 -1.79 2.31
CA ILE A 47 11.03 -1.25 2.06
C ILE A 47 10.73 -1.71 0.64
N ALA A 48 9.61 -2.40 0.45
CA ALA A 48 9.23 -2.91 -0.87
C ALA A 48 7.82 -2.53 -1.20
N GLY A 49 7.49 -2.53 -2.48
CA GLY A 49 6.14 -2.17 -2.82
C GLY A 49 5.92 -2.33 -4.28
N ASP A 50 4.83 -3.02 -4.68
CA ASP A 50 4.43 -3.24 -6.07
C ASP A 50 5.21 -4.41 -6.77
N ASP A 51 6.37 -4.10 -7.32
CA ASP A 51 7.18 -5.11 -8.01
C ASP A 51 8.68 -4.78 -7.87
N THR A 52 9.00 -3.99 -6.84
CA THR A 52 10.36 -3.59 -6.57
C THR A 52 10.54 -3.66 -5.07
N ILE A 53 11.62 -4.29 -4.63
CA ILE A 53 11.92 -4.40 -3.23
C ILE A 53 13.21 -3.64 -3.14
N PHE A 54 13.33 -2.61 -2.31
CA PHE A 54 14.64 -1.96 -2.15
C PHE A 54 15.07 -2.54 -0.80
N THR A 55 16.30 -3.02 -0.69
CA THR A 55 16.80 -3.49 0.59
C THR A 55 18.16 -2.83 0.64
N THR A 56 18.58 -2.41 1.82
CA THR A 56 19.85 -1.74 1.94
C THR A 56 20.65 -2.50 2.96
N PRO A 57 21.97 -2.37 2.92
CA PRO A 57 22.89 -3.05 3.85
C PRO A 57 23.06 -2.36 5.18
N ALA A 58 23.26 -3.16 6.22
CA ALA A 58 23.48 -2.65 7.56
C ALA A 58 24.94 -2.33 7.62
N ASN A 59 25.34 -1.61 8.66
CA ASN A 59 26.74 -1.25 8.82
C ASN A 59 27.61 -2.47 8.87
N GLY A 60 28.75 -2.36 8.21
CA GLY A 60 29.68 -3.47 8.17
C GLY A 60 29.39 -4.44 7.03
N PHE A 61 28.56 -4.04 6.07
CA PHE A 61 28.26 -4.90 4.94
C PHE A 61 28.17 -4.06 3.72
N THR A 62 28.93 -4.42 2.70
CA THR A 62 28.89 -3.62 1.49
C THR A 62 27.62 -3.96 0.74
N VAL A 63 27.22 -3.08 -0.15
CA VAL A 63 26.04 -3.38 -0.91
C VAL A 63 26.35 -4.65 -1.64
N LYS A 64 27.63 -4.86 -1.97
CA LYS A 64 28.04 -6.08 -2.67
C LYS A 64 27.88 -7.29 -1.75
N ASP A 65 28.34 -7.12 -0.51
CA ASP A 65 28.30 -8.14 0.52
C ASP A 65 26.89 -8.54 0.89
N LEU A 66 25.99 -7.55 0.85
CA LEU A 66 24.58 -7.77 1.14
C LEU A 66 24.01 -8.41 -0.12
N TYR A 67 24.47 -7.96 -1.29
CA TYR A 67 24.01 -8.53 -2.58
C TYR A 67 24.26 -10.00 -2.46
N GLU A 68 25.41 -10.30 -1.87
CA GLU A 68 25.87 -11.65 -1.60
C GLU A 68 24.73 -12.32 -0.82
N ALA A 69 24.44 -11.77 0.36
CA ALA A 69 23.40 -12.28 1.24
C ALA A 69 22.15 -12.71 0.49
N ILE A 70 21.50 -11.76 -0.16
CA ILE A 70 20.28 -12.07 -0.93
C ILE A 70 20.53 -13.26 -1.87
N LEU A 71 21.65 -13.25 -2.57
CA LEU A 71 21.99 -14.33 -3.50
C LEU A 71 21.99 -15.71 -2.85
N GLU A 72 22.63 -15.85 -1.70
CA GLU A 72 22.64 -17.13 -1.02
C GLU A 72 21.23 -17.41 -0.48
N LEU A 73 20.66 -16.45 0.23
CA LEU A 73 19.30 -16.55 0.78
C LEU A 73 18.29 -16.73 -0.37
N PHE A 74 18.72 -16.42 -1.58
CA PHE A 74 17.89 -16.55 -2.78
C PHE A 74 18.51 -17.63 -3.70
N PRO B 3 -3.15 11.78 -16.73
CA PRO B 3 -2.06 11.95 -15.73
C PRO B 3 -1.07 13.03 -16.10
N LEU B 4 -1.57 14.25 -16.30
CA LEU B 4 -0.70 15.35 -16.66
C LEU B 4 0.29 15.75 -15.58
N LYS B 5 1.56 15.74 -15.97
CA LYS B 5 2.69 16.05 -15.12
C LYS B 5 2.71 17.45 -14.51
N ASN B 6 1.69 17.71 -13.71
CA ASN B 6 1.50 18.95 -12.99
C ASN B 6 0.95 18.41 -11.68
N LEU B 7 1.12 17.10 -11.50
CA LEU B 7 0.71 16.33 -10.32
C LEU B 7 1.94 16.15 -9.47
N VAL B 8 3.06 16.60 -10.02
CA VAL B 8 4.37 16.56 -9.38
C VAL B 8 4.50 17.88 -8.67
N LEU B 9 5.22 17.91 -7.57
CA LEU B 9 5.33 19.18 -6.92
C LEU B 9 6.77 19.58 -6.92
N ASP B 10 7.65 18.58 -6.98
CA ASP B 10 9.06 18.85 -6.95
C ASP B 10 9.97 17.67 -7.32
N ILE B 11 11.24 17.96 -7.58
CA ILE B 11 12.23 16.95 -7.93
C ILE B 11 13.49 17.31 -7.25
N ASP B 12 14.09 16.37 -6.55
CA ASP B 12 15.33 16.67 -5.92
C ASP B 12 16.21 15.43 -5.91
N TYR B 13 17.45 15.57 -5.45
CA TYR B 13 18.37 14.44 -5.41
C TYR B 13 19.52 14.66 -4.43
N ASN B 14 19.99 13.58 -3.83
CA ASN B 14 21.11 13.77 -2.97
C ASN B 14 22.14 12.93 -3.63
N ASP B 15 22.99 12.34 -2.83
CA ASP B 15 24.04 11.51 -3.36
C ASP B 15 23.52 10.11 -3.61
N ALA B 16 22.21 9.86 -3.45
CA ALA B 16 21.70 8.48 -3.64
C ALA B 16 20.36 8.19 -4.29
N VAL B 17 19.45 9.13 -4.34
CA VAL B 17 18.20 8.87 -4.99
C VAL B 17 17.69 10.18 -5.60
N VAL B 18 16.78 10.10 -6.55
CA VAL B 18 16.14 11.30 -7.11
C VAL B 18 14.86 11.21 -6.24
N VAL B 19 14.31 12.33 -5.80
CA VAL B 19 13.13 12.30 -4.96
C VAL B 19 12.03 13.17 -5.56
N ILE B 20 10.97 12.53 -6.04
CA ILE B 20 9.83 13.24 -6.61
C ILE B 20 8.73 13.29 -5.54
N HIS B 21 8.39 14.49 -5.04
CA HIS B 21 7.31 14.67 -4.02
C HIS B 21 6.14 15.18 -4.84
N THR B 22 5.13 14.36 -4.98
CA THR B 22 3.98 14.68 -5.79
C THR B 22 2.76 15.15 -5.01
N SER B 23 1.67 15.34 -5.76
CA SER B 23 0.38 15.75 -5.25
C SER B 23 -0.26 14.52 -4.62
N PRO B 24 -1.17 14.73 -3.65
CA PRO B 24 -1.84 13.62 -2.97
C PRO B 24 -2.18 12.40 -3.85
N GLY B 25 -1.84 11.23 -3.35
CA GLY B 25 -2.11 9.99 -4.06
C GLY B 25 -1.68 9.87 -5.52
N ALA B 26 -0.76 10.70 -6.00
CA ALA B 26 -0.34 10.59 -7.39
C ALA B 26 0.94 9.78 -7.53
N ALA B 27 1.54 9.45 -6.40
CA ALA B 27 2.77 8.71 -6.42
C ALA B 27 2.76 7.53 -7.36
N GLN B 28 1.80 6.64 -7.23
CA GLN B 28 1.81 5.48 -8.11
C GLN B 28 1.90 5.74 -9.62
N LEU B 29 1.19 6.76 -10.12
CA LEU B 29 1.17 7.15 -11.54
C LEU B 29 2.53 7.63 -12.10
N ILE B 30 3.08 8.70 -11.52
CA ILE B 30 4.36 9.24 -11.95
C ILE B 30 5.38 8.13 -11.74
N ALA B 31 5.09 7.25 -10.79
CA ALA B 31 5.92 6.10 -10.55
C ALA B 31 5.78 5.27 -11.79
N ARG B 32 4.54 5.10 -12.21
CA ARG B 32 4.18 4.32 -13.41
C ARG B 32 4.95 4.72 -14.65
N LEU B 33 5.26 6.01 -14.77
CA LEU B 33 6.00 6.54 -15.92
C LEU B 33 7.51 6.10 -15.94
N LEU B 34 8.29 6.50 -14.94
CA LEU B 34 9.71 6.15 -14.88
C LEU B 34 10.03 4.70 -15.12
N ASP B 35 9.12 3.81 -14.79
CA ASP B 35 9.35 2.37 -15.00
C ASP B 35 9.63 2.03 -16.48
N SER B 36 9.27 2.93 -17.38
CA SER B 36 9.53 2.66 -18.78
C SER B 36 11.03 2.90 -19.10
N LEU B 37 11.74 3.59 -18.21
CA LEU B 37 13.17 3.83 -18.42
C LEU B 37 13.94 2.90 -17.51
N GLY B 38 13.96 1.62 -17.85
CA GLY B 38 14.68 0.67 -17.03
C GLY B 38 16.15 1.04 -16.94
N LYS B 39 17.00 0.06 -16.66
CA LYS B 39 18.45 0.31 -16.53
C LYS B 39 19.04 1.18 -17.65
N ALA B 40 18.73 0.80 -18.90
CA ALA B 40 19.21 1.47 -20.09
C ALA B 40 19.15 3.00 -20.15
N GLU B 41 18.21 3.60 -19.42
CA GLU B 41 18.09 5.05 -19.44
C GLU B 41 18.51 5.59 -18.09
N GLY B 42 18.99 4.67 -17.25
CA GLY B 42 19.50 4.98 -15.93
C GLY B 42 18.73 4.66 -14.67
N ILE B 43 17.73 3.79 -14.73
CA ILE B 43 16.97 3.51 -13.53
C ILE B 43 17.00 2.09 -13.03
N LEU B 44 17.88 1.91 -12.06
CA LEU B 44 18.12 0.65 -11.38
C LEU B 44 16.92 0.21 -10.57
N GLY B 45 16.12 1.20 -10.13
CA GLY B 45 14.92 0.92 -9.34
C GLY B 45 14.09 2.16 -9.02
N THR B 46 12.84 1.95 -8.62
CA THR B 46 11.98 3.07 -8.25
C THR B 46 10.95 2.53 -7.31
N ILE B 47 10.74 3.20 -6.18
CA ILE B 47 9.74 2.75 -5.21
C ILE B 47 8.81 3.90 -4.89
N ALA B 48 7.53 3.76 -5.20
CA ALA B 48 6.61 4.86 -4.97
C ALA B 48 5.95 4.74 -3.65
N GLY B 49 5.22 5.78 -3.31
CA GLY B 49 4.52 5.77 -2.04
C GLY B 49 3.22 6.60 -1.94
N ASP B 50 3.03 7.08 -0.70
CA ASP B 50 1.91 7.93 -0.32
C ASP B 50 1.74 8.96 -1.46
N ASP B 51 2.85 9.64 -1.76
CA ASP B 51 2.90 10.61 -2.82
C ASP B 51 4.34 11.07 -2.93
N THR B 52 5.26 10.20 -2.54
CA THR B 52 6.67 10.51 -2.63
C THR B 52 7.25 9.39 -3.44
N ILE B 53 8.31 9.68 -4.18
CA ILE B 53 8.90 8.65 -5.00
C ILE B 53 10.43 8.62 -4.90
N PHE B 54 10.99 7.44 -4.62
CA PHE B 54 12.43 7.29 -4.58
C PHE B 54 12.71 6.73 -5.95
N THR B 55 13.84 7.12 -6.53
CA THR B 55 14.27 6.58 -7.81
C THR B 55 15.78 6.65 -7.75
N THR B 56 16.43 5.54 -8.11
CA THR B 56 17.88 5.45 -8.08
C THR B 56 18.44 5.04 -9.44
N PRO B 57 19.63 5.52 -9.77
CA PRO B 57 20.39 5.27 -11.00
C PRO B 57 20.85 3.82 -11.24
N ALA B 58 20.80 3.40 -12.51
CA ALA B 58 21.20 2.08 -12.94
C ALA B 58 22.60 1.75 -12.39
N ASN B 59 23.63 1.98 -13.20
CA ASN B 59 25.02 1.77 -12.79
C ASN B 59 25.98 2.20 -13.90
N GLY B 60 26.04 3.51 -14.08
CA GLY B 60 26.85 4.15 -15.09
C GLY B 60 26.28 5.56 -15.13
N PHE B 61 25.32 5.78 -14.23
CA PHE B 61 24.63 7.03 -14.07
C PHE B 61 24.66 7.41 -12.60
N THR B 62 25.20 8.59 -12.36
CA THR B 62 25.29 9.14 -11.03
C THR B 62 23.87 9.56 -10.81
N VAL B 63 23.58 9.99 -9.61
CA VAL B 63 22.26 10.46 -9.33
C VAL B 63 22.00 11.59 -10.30
N LYS B 64 22.94 12.53 -10.43
CA LYS B 64 22.76 13.66 -11.33
C LYS B 64 22.36 13.24 -12.75
N ASP B 65 22.87 12.09 -13.18
CA ASP B 65 22.56 11.58 -14.51
C ASP B 65 21.08 11.27 -14.55
N LEU B 66 20.61 10.58 -13.51
CA LEU B 66 19.20 10.18 -13.42
C LEU B 66 18.28 11.39 -13.28
N TYR B 67 18.65 12.33 -12.43
CA TYR B 67 17.83 13.53 -12.19
C TYR B 67 17.49 14.27 -13.45
N GLU B 68 18.49 14.29 -14.33
CA GLU B 68 18.40 14.96 -15.62
C GLU B 68 17.46 14.22 -16.56
N ALA B 69 17.75 12.93 -16.74
CA ALA B 69 16.96 12.08 -17.61
C ALA B 69 15.50 12.23 -17.21
N ILE B 70 15.23 12.10 -15.91
CA ILE B 70 13.88 12.20 -15.38
C ILE B 70 13.38 13.54 -15.81
N LEU B 71 14.07 14.57 -15.37
CA LEU B 71 13.66 15.88 -15.71
C LEU B 71 13.32 16.01 -17.18
N GLU B 72 14.08 15.36 -18.06
CA GLU B 72 13.75 15.46 -19.47
C GLU B 72 12.44 14.73 -19.80
N LEU B 73 12.29 13.54 -19.23
CA LEU B 73 11.14 12.66 -19.41
C LEU B 73 9.75 13.24 -19.10
N PHE B 74 9.67 14.32 -18.33
CA PHE B 74 8.39 14.95 -17.95
C PHE B 74 8.05 16.22 -18.73
N PRO C 3 -1.25 6.89 19.69
CA PRO C 3 -0.21 7.16 18.68
C PRO C 3 1.14 7.39 19.32
N LEU C 4 1.37 6.73 20.47
CA LEU C 4 2.59 6.91 21.27
C LEU C 4 3.84 6.32 20.69
N LYS C 5 4.92 7.09 20.82
CA LYS C 5 6.23 6.71 20.32
C LYS C 5 6.85 5.69 21.27
N ASN C 6 6.17 4.55 21.27
CA ASN C 6 6.46 3.33 21.99
C ASN C 6 6.47 2.38 20.81
N LEU C 7 5.86 2.87 19.72
CA LEU C 7 5.69 2.22 18.42
C LEU C 7 7.04 1.99 17.68
N VAL C 8 7.96 2.94 17.82
CA VAL C 8 9.26 2.89 17.17
C VAL C 8 10.16 1.81 17.75
N LEU C 9 10.20 0.70 17.03
CA LEU C 9 10.97 -0.41 17.47
C LEU C 9 12.43 -0.42 17.09
N ASP C 10 12.89 0.59 16.33
CA ASP C 10 14.32 0.67 15.92
C ASP C 10 14.77 1.90 15.09
N ILE C 11 16.00 2.37 15.33
CA ILE C 11 16.59 3.50 14.59
C ILE C 11 18.13 3.40 14.44
N ASP C 12 18.58 3.20 13.21
CA ASP C 12 19.99 3.11 12.91
C ASP C 12 20.00 3.69 11.51
N TYR C 13 21.19 3.98 10.99
CA TYR C 13 21.33 4.53 9.64
C TYR C 13 22.59 3.98 8.99
N ASN C 14 22.74 4.20 7.70
CA ASN C 14 23.92 3.78 6.96
C ASN C 14 24.28 5.06 6.21
N ASP C 15 25.10 4.97 5.17
CA ASP C 15 25.49 6.18 4.42
C ASP C 15 24.55 6.54 3.26
N ALA C 16 23.25 6.25 3.42
CA ALA C 16 22.21 6.52 2.40
C ALA C 16 20.87 7.00 2.91
N VAL C 17 20.25 6.21 3.76
CA VAL C 17 18.96 6.56 4.30
C VAL C 17 18.96 6.15 5.74
N VAL C 18 18.08 6.75 6.54
CA VAL C 18 17.91 6.44 7.98
C VAL C 18 16.80 5.41 7.97
N VAL C 19 16.83 4.47 8.90
CA VAL C 19 15.77 3.48 8.86
C VAL C 19 15.12 3.17 10.20
N ILE C 20 13.83 3.54 10.22
CA ILE C 20 12.95 3.35 11.36
C ILE C 20 12.24 1.98 11.24
N HIS C 21 12.16 1.24 12.33
CA HIS C 21 11.49 -0.03 12.31
C HIS C 21 10.50 0.10 13.41
N THR C 22 9.32 -0.46 13.19
CA THR C 22 8.22 -0.35 14.15
C THR C 22 7.44 -1.59 14.47
N SER C 23 6.50 -1.40 15.39
CA SER C 23 5.54 -2.42 15.79
C SER C 23 4.67 -2.30 14.54
N PRO C 24 4.51 -3.38 13.78
CA PRO C 24 3.74 -3.42 12.55
C PRO C 24 2.51 -2.54 12.54
N GLY C 25 2.39 -1.75 11.48
CA GLY C 25 1.24 -0.88 11.34
C GLY C 25 1.57 0.59 11.47
N ALA C 26 2.24 0.91 12.56
CA ALA C 26 2.63 2.28 12.83
C ALA C 26 3.24 2.86 11.55
N ALA C 27 4.08 2.03 10.92
CA ALA C 27 4.82 2.32 9.70
C ALA C 27 4.34 3.56 9.02
N GLN C 28 3.06 3.54 8.67
CA GLN C 28 2.47 4.66 7.98
C GLN C 28 2.28 5.88 8.87
N LEU C 29 1.73 5.68 10.05
CA LEU C 29 1.54 6.78 10.99
C LEU C 29 2.88 7.47 11.23
N ILE C 30 3.84 6.70 11.75
CA ILE C 30 5.21 7.19 12.05
C ILE C 30 5.69 8.00 10.83
N ALA C 31 5.62 7.38 9.66
CA ALA C 31 6.03 8.04 8.46
C ALA C 31 5.48 9.45 8.45
N ARG C 32 4.16 9.59 8.46
CA ARG C 32 3.57 10.92 8.38
C ARG C 32 3.94 12.03 9.38
N LEU C 33 4.66 11.68 10.43
CA LEU C 33 5.08 12.65 11.44
C LEU C 33 6.36 13.35 10.97
N LEU C 34 7.31 12.53 10.47
CA LEU C 34 8.60 12.96 9.93
C LEU C 34 8.30 13.98 8.88
N ASP C 35 7.15 13.77 8.23
CA ASP C 35 6.61 14.62 7.16
C ASP C 35 6.56 16.10 7.57
N SER C 36 6.69 16.37 8.86
CA SER C 36 6.66 17.76 9.29
C SER C 36 8.02 18.46 9.20
N LEU C 37 9.10 17.69 9.11
CA LEU C 37 10.44 18.26 9.05
C LEU C 37 10.76 19.00 7.77
N GLY C 38 10.43 18.40 6.63
CA GLY C 38 10.73 19.05 5.36
C GLY C 38 12.21 19.30 5.02
N LYS C 39 12.42 19.70 3.75
CA LYS C 39 13.76 20.01 3.21
C LYS C 39 14.50 20.73 4.29
N ALA C 40 13.92 21.85 4.69
CA ALA C 40 14.43 22.75 5.73
C ALA C 40 14.98 22.03 6.98
N GLU C 41 14.25 21.04 7.47
CA GLU C 41 14.77 20.37 8.63
C GLU C 41 15.71 19.26 8.26
N GLY C 42 15.98 19.14 6.97
CA GLY C 42 16.97 18.19 6.53
C GLY C 42 16.59 16.91 5.88
N ILE C 43 15.30 16.77 5.58
CA ILE C 43 14.78 15.55 4.98
C ILE C 43 14.44 15.80 3.54
N LEU C 44 15.00 15.01 2.62
CA LEU C 44 14.70 15.20 1.20
C LEU C 44 13.42 14.47 0.94
N GLY C 45 13.20 13.36 1.66
CA GLY C 45 12.00 12.57 1.47
C GLY C 45 11.87 11.45 2.50
N THR C 46 10.90 10.57 2.27
CA THR C 46 10.61 9.46 3.17
C THR C 46 9.75 8.49 2.40
N ILE C 47 9.90 7.22 2.69
CA ILE C 47 9.11 6.20 2.03
C ILE C 47 8.96 5.14 3.09
N ALA C 48 7.76 4.62 3.25
CA ALA C 48 7.45 3.62 4.27
C ALA C 48 6.51 2.55 3.75
N GLY C 49 6.20 1.57 4.60
CA GLY C 49 5.28 0.53 4.20
C GLY C 49 4.74 -0.32 5.32
N ASP C 50 5.28 -1.52 5.43
CA ASP C 50 4.90 -2.47 6.46
C ASP C 50 5.24 -1.94 7.90
N ASP C 51 6.53 -1.87 8.25
CA ASP C 51 6.94 -1.36 9.54
C ASP C 51 8.39 -0.97 9.47
N THR C 52 8.73 -0.34 8.36
CA THR C 52 10.06 0.15 8.10
C THR C 52 9.84 1.49 7.46
N ILE C 53 10.66 2.47 7.84
CA ILE C 53 10.58 3.79 7.25
C ILE C 53 12.00 4.15 6.80
N PHE C 54 12.11 4.48 5.52
CA PHE C 54 13.37 4.88 4.91
C PHE C 54 13.20 6.40 4.85
N THR C 55 14.25 7.16 5.16
CA THR C 55 14.17 8.62 5.07
C THR C 55 15.58 9.14 4.78
N THR C 56 15.74 9.86 3.68
CA THR C 56 17.08 10.32 3.29
C THR C 56 17.31 11.83 3.48
N PRO C 57 18.54 12.23 3.88
CA PRO C 57 18.89 13.62 4.12
C PRO C 57 18.95 14.48 2.92
N ALA C 58 18.46 15.70 3.09
CA ALA C 58 18.50 16.71 2.05
C ALA C 58 19.97 17.09 2.10
N ASN C 59 20.55 17.40 0.96
CA ASN C 59 21.95 17.76 0.92
C ASN C 59 22.24 18.90 1.84
N GLY C 60 23.42 18.85 2.43
CA GLY C 60 23.79 19.87 3.35
C GLY C 60 23.53 19.22 4.68
N PHE C 61 23.04 17.99 4.67
CA PHE C 61 22.79 17.20 5.88
C PHE C 61 23.49 15.90 5.67
N THR C 62 24.14 15.40 6.71
CA THR C 62 24.82 14.11 6.59
C THR C 62 23.77 13.14 7.17
N VAL C 63 23.60 11.88 6.70
CA VAL C 63 22.57 10.98 7.32
C VAL C 63 22.74 11.05 8.86
N LYS C 64 23.99 11.19 9.30
CA LYS C 64 24.27 11.29 10.69
C LYS C 64 23.53 12.50 11.20
N ASP C 65 23.59 13.58 10.48
CA ASP C 65 22.87 14.75 10.90
C ASP C 65 21.34 14.60 10.86
N LEU C 66 20.82 13.56 10.21
CA LEU C 66 19.36 13.38 10.16
C LEU C 66 19.04 12.53 11.34
N TYR C 67 19.85 11.50 11.58
CA TYR C 67 19.64 10.62 12.71
C TYR C 67 19.38 11.41 14.00
N GLU C 68 20.24 12.40 14.25
CA GLU C 68 20.14 13.27 15.41
C GLU C 68 18.92 14.16 15.38
N ALA C 69 18.38 14.42 14.20
CA ALA C 69 17.17 15.24 14.07
C ALA C 69 15.92 14.40 14.25
N ILE C 70 15.90 13.18 13.73
CA ILE C 70 14.73 12.34 13.88
C ILE C 70 14.68 11.94 15.33
N LEU C 71 15.83 11.59 15.88
CA LEU C 71 15.89 11.25 17.30
C LEU C 71 15.35 12.46 18.10
N GLU C 72 15.46 13.66 17.51
CA GLU C 72 14.99 14.95 18.09
C GLU C 72 13.50 15.28 17.77
N LEU C 73 12.71 14.23 17.68
CA LEU C 73 11.32 14.27 17.37
C LEU C 73 10.90 13.06 18.17
N PHE C 74 11.66 11.97 17.97
CA PHE C 74 11.44 10.70 18.66
C PHE C 74 12.07 10.60 20.05
N PRO D 3 4.99 -19.52 -5.61
CA PRO D 3 3.64 -18.93 -5.73
C PRO D 3 2.46 -19.92 -5.53
N LEU D 4 2.78 -21.14 -5.09
CA LEU D 4 1.79 -22.19 -4.87
C LEU D 4 0.74 -21.66 -3.92
N LYS D 5 -0.51 -21.92 -4.23
CA LYS D 5 -1.60 -21.42 -3.39
C LYS D 5 -1.69 -22.00 -1.99
N ASN D 6 -0.56 -22.42 -1.44
CA ASN D 6 -0.56 -22.89 -0.07
C ASN D 6 -0.45 -21.61 0.76
N LEU D 7 -0.29 -20.48 0.06
CA LEU D 7 -0.21 -19.15 0.66
C LEU D 7 -1.60 -18.75 1.17
N VAL D 8 -2.65 -19.46 0.72
CA VAL D 8 -4.04 -19.20 1.09
C VAL D 8 -4.35 -19.77 2.50
N LEU D 9 -4.75 -18.89 3.43
CA LEU D 9 -5.04 -19.27 4.80
C LEU D 9 -6.49 -19.32 5.29
N ASP D 10 -7.44 -18.92 4.43
CA ASP D 10 -8.87 -18.97 4.75
C ASP D 10 -9.74 -18.29 3.71
N ILE D 11 -10.86 -18.92 3.38
CA ILE D 11 -11.82 -18.32 2.47
C ILE D 11 -13.01 -18.17 3.38
N ASP D 12 -13.97 -17.34 2.98
CA ASP D 12 -15.19 -17.11 3.75
C ASP D 12 -15.99 -16.09 2.96
N TYR D 13 -17.29 -15.98 3.20
CA TYR D 13 -18.11 -15.00 2.48
C TYR D 13 -19.41 -14.75 3.20
N ASN D 14 -19.90 -13.52 3.11
CA ASN D 14 -21.13 -13.18 3.76
C ASN D 14 -22.11 -12.65 2.73
N ASP D 15 -22.98 -11.72 3.17
CA ASP D 15 -24.00 -11.14 2.30
C ASP D 15 -23.45 -10.13 1.29
N ALA D 16 -22.24 -9.63 1.57
CA ALA D 16 -21.59 -8.63 0.73
C ALA D 16 -20.34 -9.08 -0.05
N VAL D 17 -19.39 -9.72 0.61
CA VAL D 17 -18.14 -10.09 -0.05
C VAL D 17 -17.36 -11.34 0.45
N VAL D 18 -16.58 -11.92 -0.49
CA VAL D 18 -15.73 -13.12 -0.31
C VAL D 18 -14.41 -12.70 0.31
N VAL D 19 -14.04 -13.33 1.42
CA VAL D 19 -12.84 -13.00 2.15
C VAL D 19 -11.81 -14.10 2.37
N ILE D 20 -10.78 -14.06 1.51
CA ILE D 20 -9.60 -14.96 1.46
C ILE D 20 -8.54 -14.35 2.36
N HIS D 21 -7.96 -15.10 3.26
CA HIS D 21 -6.95 -14.48 4.09
C HIS D 21 -5.71 -15.23 3.70
N THR D 22 -4.54 -14.63 3.91
CA THR D 22 -3.28 -15.23 3.49
C THR D 22 -2.04 -15.22 4.40
N SER D 23 -1.04 -15.98 3.94
CA SER D 23 0.26 -16.08 4.60
C SER D 23 0.72 -14.61 4.50
N PRO D 24 1.29 -14.08 5.59
CA PRO D 24 1.78 -12.71 5.70
C PRO D 24 2.51 -12.26 4.46
N GLY D 25 1.85 -11.48 3.63
CA GLY D 25 2.50 -11.01 2.43
C GLY D 25 2.00 -11.60 1.12
N ALA D 26 1.03 -12.52 1.16
CA ALA D 26 0.55 -13.06 -0.09
C ALA D 26 -0.24 -11.91 -0.71
N ALA D 27 -1.47 -11.74 -0.26
CA ALA D 27 -2.33 -10.66 -0.73
C ALA D 27 -2.36 -10.48 -2.24
N GLN D 28 -1.51 -9.55 -2.71
CA GLN D 28 -1.37 -9.09 -4.11
C GLN D 28 -1.04 -10.11 -5.18
N LEU D 29 -0.57 -11.28 -4.75
CA LEU D 29 -0.22 -12.39 -5.62
C LEU D 29 -1.51 -13.24 -5.77
N ILE D 30 -2.06 -13.62 -4.61
CA ILE D 30 -3.27 -14.41 -4.55
C ILE D 30 -4.38 -13.58 -5.16
N ALA D 31 -4.32 -12.28 -4.94
CA ALA D 31 -5.33 -11.34 -5.46
C ALA D 31 -5.12 -11.13 -6.95
N ARG D 32 -3.86 -11.15 -7.40
CA ARG D 32 -3.52 -10.96 -8.82
C ARG D 32 -4.13 -12.11 -9.62
N LEU D 33 -4.19 -13.26 -8.97
CA LEU D 33 -4.75 -14.46 -9.54
C LEU D 33 -6.25 -14.29 -9.86
N LEU D 34 -7.06 -14.01 -8.85
CA LEU D 34 -8.50 -13.82 -9.03
C LEU D 34 -8.77 -12.90 -10.20
N ASP D 35 -7.77 -12.11 -10.59
CA ASP D 35 -7.92 -11.15 -11.70
C ASP D 35 -8.33 -11.76 -13.03
N SER D 36 -7.97 -13.01 -13.22
CA SER D 36 -8.26 -13.73 -14.44
C SER D 36 -9.75 -14.06 -14.63
N LEU D 37 -10.49 -14.04 -13.52
CA LEU D 37 -11.89 -14.39 -13.54
C LEU D 37 -12.84 -13.35 -14.07
N GLY D 38 -12.63 -12.09 -13.72
CA GLY D 38 -13.51 -11.05 -14.24
C GLY D 38 -15.02 -11.21 -14.06
N LYS D 39 -15.75 -10.16 -14.41
CA LYS D 39 -17.21 -10.17 -14.26
C LYS D 39 -17.82 -11.37 -14.93
N ALA D 40 -17.30 -11.72 -16.12
CA ALA D 40 -17.78 -12.87 -16.87
C ALA D 40 -17.66 -14.16 -16.05
N GLU D 41 -16.61 -14.25 -15.23
CA GLU D 41 -16.45 -15.43 -14.40
C GLU D 41 -16.86 -15.18 -12.94
N GLY D 42 -17.66 -14.12 -12.75
CA GLY D 42 -18.21 -13.78 -11.45
C GLY D 42 -17.57 -12.80 -10.47
N ILE D 43 -16.62 -12.01 -10.92
CA ILE D 43 -15.95 -11.08 -10.02
C ILE D 43 -16.16 -9.62 -10.47
N LEU D 44 -16.73 -8.79 -9.61
CA LEU D 44 -17.00 -7.41 -9.98
C LEU D 44 -15.72 -6.61 -9.89
N GLY D 45 -14.99 -6.89 -8.83
CA GLY D 45 -13.75 -6.22 -8.58
C GLY D 45 -13.08 -7.06 -7.51
N THR D 46 -11.95 -6.56 -6.99
CA THR D 46 -11.19 -7.25 -5.95
C THR D 46 -10.27 -6.22 -5.28
N ILE D 47 -10.12 -6.28 -3.96
CA ILE D 47 -9.24 -5.37 -3.21
C ILE D 47 -8.34 -6.27 -2.41
N ALA D 48 -7.11 -5.85 -2.16
CA ALA D 48 -6.16 -6.64 -1.38
C ALA D 48 -5.86 -5.75 -0.23
N GLY D 49 -5.12 -6.24 0.74
CA GLY D 49 -4.79 -5.39 1.86
C GLY D 49 -4.25 -6.24 2.97
N ASP D 50 -2.95 -6.12 3.21
CA ASP D 50 -2.26 -6.92 4.23
C ASP D 50 -2.60 -8.36 3.75
N ASP D 51 -3.06 -9.27 4.60
CA ASP D 51 -3.39 -10.61 4.10
C ASP D 51 -4.90 -10.75 4.09
N THR D 52 -5.55 -9.71 3.58
CA THR D 52 -6.97 -9.68 3.51
C THR D 52 -7.27 -9.22 2.10
N ILE D 53 -8.17 -9.93 1.44
CA ILE D 53 -8.60 -9.66 0.05
C ILE D 53 -10.12 -9.71 0.10
N PHE D 54 -10.82 -8.73 -0.46
CA PHE D 54 -12.27 -8.81 -0.48
C PHE D 54 -12.52 -9.29 -1.88
N THR D 55 -13.79 -9.28 -2.26
CA THR D 55 -14.22 -9.69 -3.59
C THR D 55 -15.75 -9.87 -3.58
N THR D 56 -16.45 -8.91 -4.17
CA THR D 56 -17.91 -8.96 -4.24
C THR D 56 -18.24 -9.53 -5.65
N PRO D 57 -19.24 -10.46 -5.76
CA PRO D 57 -19.63 -11.06 -7.05
C PRO D 57 -20.26 -10.10 -8.04
N ALA D 58 -20.08 -10.43 -9.30
CA ALA D 58 -20.63 -9.61 -10.36
C ALA D 58 -22.14 -9.84 -10.34
N ASN D 59 -22.86 -8.98 -11.04
CA ASN D 59 -24.31 -9.14 -11.16
C ASN D 59 -24.49 -10.49 -11.87
N GLY D 60 -25.39 -11.32 -11.37
CA GLY D 60 -25.61 -12.61 -12.00
C GLY D 60 -24.91 -13.71 -11.23
N PHE D 61 -24.26 -13.31 -10.16
CA PHE D 61 -23.59 -14.28 -9.34
C PHE D 61 -23.90 -13.86 -7.95
N THR D 62 -23.98 -14.85 -7.07
CA THR D 62 -24.30 -14.65 -5.67
C THR D 62 -23.01 -14.79 -4.90
N VAL D 63 -22.98 -14.26 -3.67
CA VAL D 63 -21.78 -14.39 -2.84
C VAL D 63 -21.37 -15.85 -2.90
N LYS D 64 -22.37 -16.74 -2.84
CA LYS D 64 -22.09 -18.16 -2.91
C LYS D 64 -21.56 -18.55 -4.31
N ASP D 65 -22.24 -18.09 -5.37
CA ASP D 65 -21.80 -18.38 -6.72
C ASP D 65 -20.29 -18.11 -6.77
N LEU D 66 -19.90 -17.01 -6.13
CA LEU D 66 -18.52 -16.56 -6.04
C LEU D 66 -17.72 -17.52 -5.19
N TYR D 67 -18.04 -17.64 -3.91
CA TYR D 67 -17.29 -18.53 -3.01
C TYR D 67 -17.00 -19.87 -3.67
N GLU D 68 -17.88 -20.24 -4.60
CA GLU D 68 -17.74 -21.48 -5.33
C GLU D 68 -16.69 -21.43 -6.48
N ALA D 69 -17.01 -20.81 -7.62
CA ALA D 69 -16.05 -20.74 -8.73
C ALA D 69 -14.64 -20.25 -8.34
N ILE D 70 -14.52 -19.54 -7.23
CA ILE D 70 -13.21 -19.05 -6.76
C ILE D 70 -12.59 -20.18 -5.98
N LEU D 71 -13.34 -20.75 -5.05
CA LEU D 71 -12.83 -21.88 -4.29
C LEU D 71 -12.41 -22.90 -5.36
N GLU D 72 -13.00 -22.72 -6.55
CA GLU D 72 -12.74 -23.53 -7.74
C GLU D 72 -11.34 -23.24 -8.30
N LEU D 73 -11.04 -21.99 -8.67
CA LEU D 73 -9.71 -21.64 -9.18
C LEU D 73 -8.62 -21.77 -8.10
N PHE D 74 -8.91 -22.50 -7.02
CA PHE D 74 -7.97 -22.68 -5.92
C PHE D 74 -7.80 -24.16 -5.55
N PRO E 3 -0.72 4.19 20.18
CA PRO E 3 -1.89 3.64 19.45
C PRO E 3 -3.28 4.05 20.02
N LEU E 4 -3.35 5.19 20.70
CA LEU E 4 -4.59 5.67 21.31
C LEU E 4 -5.71 5.92 20.32
N LYS E 5 -6.84 5.27 20.58
CA LYS E 5 -7.99 5.38 19.71
C LYS E 5 -8.78 6.70 19.70
N ASN E 6 -8.08 7.80 19.50
CA ASN E 6 -8.70 9.11 19.35
C ASN E 6 -8.39 9.36 17.88
N LEU E 7 -7.55 8.46 17.34
CA LEU E 7 -7.11 8.44 15.94
C LEU E 7 -8.28 8.08 15.05
N VAL E 8 -9.28 7.46 15.67
CA VAL E 8 -10.47 7.06 14.96
C VAL E 8 -11.42 8.23 14.86
N LEU E 9 -11.44 8.84 13.68
CA LEU E 9 -12.32 9.97 13.39
C LEU E 9 -13.78 9.52 13.36
N ASP E 10 -14.05 8.45 12.64
CA ASP E 10 -15.41 7.94 12.53
C ASP E 10 -15.44 6.41 12.59
N ILE E 11 -16.64 5.90 12.85
CA ILE E 11 -16.98 4.49 12.87
C ILE E 11 -18.43 4.68 12.57
N ASP E 12 -18.91 3.97 11.57
CA ASP E 12 -20.28 4.09 11.15
C ASP E 12 -20.54 2.92 10.26
N TYR E 13 -21.74 2.83 9.68
CA TYR E 13 -22.05 1.70 8.80
C TYR E 13 -23.18 1.78 7.84
N ASN E 14 -23.37 0.62 7.25
CA ASN E 14 -24.42 0.44 6.30
C ASN E 14 -24.84 -1.01 6.22
N ASP E 15 -25.78 -1.26 5.33
CA ASP E 15 -26.33 -2.59 5.11
C ASP E 15 -25.24 -3.56 4.60
N ALA E 16 -23.96 -3.15 4.68
CA ALA E 16 -22.85 -3.95 4.16
C ALA E 16 -21.52 -4.11 4.91
N VAL E 17 -21.02 -3.07 5.59
CA VAL E 17 -19.74 -3.17 6.29
C VAL E 17 -19.62 -2.00 7.23
N VAL E 18 -18.85 -2.13 8.31
CA VAL E 18 -18.66 -0.99 9.24
C VAL E 18 -17.55 -0.22 8.57
N VAL E 19 -17.51 1.09 8.75
CA VAL E 19 -16.50 1.91 8.13
C VAL E 19 -15.91 2.95 9.08
N ILE E 20 -14.62 2.78 9.39
CA ILE E 20 -13.89 3.65 10.31
C ILE E 20 -13.05 4.67 9.54
N HIS E 21 -13.03 5.93 9.98
CA HIS E 21 -12.24 6.96 9.31
C HIS E 21 -11.25 7.41 10.33
N THR E 22 -9.98 7.24 9.99
CA THR E 22 -8.94 7.59 10.91
C THR E 22 -8.10 8.79 10.51
N SER E 23 -7.27 9.21 11.45
CA SER E 23 -6.43 10.34 11.20
C SER E 23 -5.41 9.89 10.20
N PRO E 24 -4.92 10.82 9.39
CA PRO E 24 -3.94 10.54 8.37
C PRO E 24 -2.94 9.49 8.78
N GLY E 25 -3.00 8.37 8.07
CA GLY E 25 -2.13 7.25 8.30
C GLY E 25 -2.37 6.37 9.51
N ALA E 26 -3.55 6.40 10.12
CA ALA E 26 -3.79 5.57 11.28
C ALA E 26 -4.51 4.27 10.95
N ALA E 27 -5.08 4.20 9.75
CA ALA E 27 -5.85 3.04 9.30
C ALA E 27 -5.13 1.73 9.51
N GLN E 28 -3.93 1.63 8.96
CA GLN E 28 -3.19 0.41 9.09
C GLN E 28 -2.95 0.06 10.53
N LEU E 29 -2.91 1.05 11.43
CA LEU E 29 -2.67 0.74 12.83
C LEU E 29 -3.95 0.25 13.47
N ILE E 30 -5.00 1.07 13.44
CA ILE E 30 -6.26 0.69 14.05
C ILE E 30 -6.70 -0.66 13.54
N ALA E 31 -6.43 -0.89 12.27
CA ALA E 31 -6.80 -2.13 11.61
C ALA E 31 -6.13 -3.32 12.22
N ARG E 32 -5.23 -3.08 13.15
CA ARG E 32 -4.50 -4.16 13.82
C ARG E 32 -5.37 -4.72 14.96
N LEU E 33 -6.10 -3.82 15.61
CA LEU E 33 -6.99 -4.18 16.69
C LEU E 33 -8.14 -5.02 16.12
N LEU E 34 -8.79 -4.49 15.09
CA LEU E 34 -9.89 -5.20 14.47
C LEU E 34 -9.45 -6.57 13.95
N ASP E 35 -8.16 -6.74 13.72
CA ASP E 35 -7.64 -8.01 13.26
C ASP E 35 -7.48 -8.97 14.41
N SER E 36 -7.44 -8.44 15.63
CA SER E 36 -7.31 -9.25 16.85
C SER E 36 -8.61 -10.01 17.19
N LEU E 37 -9.74 -9.40 16.89
CA LEU E 37 -11.06 -9.97 17.18
C LEU E 37 -11.35 -11.28 16.46
N GLY E 38 -11.02 -11.34 15.18
CA GLY E 38 -11.26 -12.55 14.41
C GLY E 38 -12.71 -13.03 14.35
N LYS E 39 -12.94 -14.11 13.59
CA LYS E 39 -14.27 -14.74 13.39
C LYS E 39 -15.03 -15.06 14.67
N ALA E 40 -14.29 -15.01 15.77
CA ALA E 40 -14.83 -15.26 17.08
C ALA E 40 -15.78 -14.11 17.46
N GLU E 41 -15.43 -12.87 17.15
CA GLU E 41 -16.32 -11.77 17.50
C GLU E 41 -17.16 -11.27 16.34
N GLY E 42 -17.23 -12.04 15.25
CA GLY E 42 -18.00 -11.63 14.10
C GLY E 42 -17.24 -10.84 13.07
N ILE E 43 -15.92 -10.89 13.17
CA ILE E 43 -15.01 -10.21 12.25
C ILE E 43 -14.80 -11.08 11.02
N LEU E 44 -15.59 -10.85 9.98
CA LEU E 44 -15.41 -11.63 8.76
C LEU E 44 -14.21 -11.14 7.98
N GLY E 45 -13.95 -9.83 8.06
CA GLY E 45 -12.83 -9.22 7.36
C GLY E 45 -12.63 -7.75 7.63
N THR E 46 -11.41 -7.27 7.45
CA THR E 46 -11.04 -5.87 7.64
C THR E 46 -9.93 -5.41 6.67
N ILE E 47 -10.34 -4.76 5.60
CA ILE E 47 -9.41 -4.27 4.62
C ILE E 47 -9.22 -2.82 5.02
N ALA E 48 -7.95 -2.44 5.17
CA ALA E 48 -7.61 -1.06 5.51
C ALA E 48 -7.25 -0.37 4.20
N GLY E 49 -6.87 0.89 4.29
CA GLY E 49 -6.52 1.57 3.09
C GLY E 49 -5.71 2.77 3.48
N ASP E 50 -6.01 3.87 2.80
CA ASP E 50 -5.35 5.16 3.00
C ASP E 50 -5.43 5.41 4.52
N ASP E 51 -6.60 5.83 4.95
CA ASP E 51 -6.90 6.05 6.36
C ASP E 51 -8.40 5.86 6.55
N THR E 52 -8.95 4.97 5.73
CA THR E 52 -10.33 4.59 5.80
C THR E 52 -10.24 3.07 5.91
N ILE E 53 -10.99 2.53 6.86
CA ILE E 53 -11.02 1.11 7.18
C ILE E 53 -12.36 0.49 6.87
N PHE E 54 -12.41 -0.53 6.03
CA PHE E 54 -13.67 -1.19 5.71
C PHE E 54 -13.57 -2.48 6.51
N THR E 55 -14.60 -2.81 7.28
CA THR E 55 -14.63 -4.08 8.01
C THR E 55 -16.05 -4.60 7.88
N THR E 56 -16.19 -5.91 7.83
CA THR E 56 -17.49 -6.51 7.63
C THR E 56 -17.72 -7.68 8.55
N PRO E 57 -18.99 -7.94 8.88
CA PRO E 57 -19.58 -8.98 9.74
C PRO E 57 -19.59 -10.43 9.27
N ALA E 58 -19.05 -11.30 10.14
CA ALA E 58 -18.94 -12.73 9.90
C ALA E 58 -20.36 -13.24 9.90
N ASN E 59 -20.66 -14.18 9.02
CA ASN E 59 -22.02 -14.68 8.99
C ASN E 59 -22.38 -15.08 10.40
N GLY E 60 -23.49 -14.59 10.87
CA GLY E 60 -23.87 -14.92 12.23
C GLY E 60 -24.08 -13.63 12.97
N PHE E 61 -23.32 -12.60 12.59
CA PHE E 61 -23.51 -11.31 13.21
C PHE E 61 -24.13 -10.37 12.19
N THR E 62 -24.48 -9.18 12.62
CA THR E 62 -25.06 -8.23 11.67
C THR E 62 -24.14 -7.03 11.63
N VAL E 63 -24.26 -6.24 10.55
CA VAL E 63 -23.45 -5.06 10.39
C VAL E 63 -23.74 -4.22 11.59
N LYS E 64 -25.03 -4.07 11.88
CA LYS E 64 -25.42 -3.27 13.01
C LYS E 64 -24.94 -3.86 14.33
N ASP E 65 -24.63 -5.16 14.34
CA ASP E 65 -24.17 -5.87 15.57
C ASP E 65 -22.61 -5.88 15.75
N LEU E 66 -21.93 -5.60 14.63
CA LEU E 66 -20.48 -5.51 14.59
C LEU E 66 -20.17 -4.06 14.99
N TYR E 67 -20.98 -3.12 14.54
CA TYR E 67 -20.80 -1.71 14.85
C TYR E 67 -20.71 -1.45 16.33
N GLU E 68 -21.80 -1.74 17.03
CA GLU E 68 -21.89 -1.56 18.48
C GLU E 68 -20.63 -2.19 19.09
N ALA E 69 -20.29 -3.38 18.61
CA ALA E 69 -19.11 -4.12 19.07
C ALA E 69 -17.75 -3.41 18.89
N ILE E 70 -17.52 -2.77 17.74
CA ILE E 70 -16.25 -2.09 17.48
C ILE E 70 -16.19 -0.94 18.46
N LEU E 71 -17.27 -0.18 18.49
CA LEU E 71 -17.42 0.97 19.37
C LEU E 71 -17.04 0.54 20.75
N GLU E 72 -17.37 -0.71 21.10
CA GLU E 72 -17.04 -1.27 22.41
C GLU E 72 -15.56 -1.60 22.54
N LEU E 73 -15.02 -2.45 21.68
CA LEU E 73 -13.60 -2.77 21.80
C LEU E 73 -12.78 -1.59 21.29
N PHE E 74 -13.30 -0.39 21.55
CA PHE E 74 -12.74 0.90 21.18
C PHE E 74 -12.97 1.90 22.31
N PRO F 3 -4.43 13.50 -14.07
CA PRO F 3 -5.12 12.26 -13.71
C PRO F 3 -6.55 12.20 -14.27
N LEU F 4 -6.73 12.86 -15.43
CA LEU F 4 -8.00 12.95 -16.15
C LEU F 4 -8.98 11.84 -15.79
N LYS F 5 -10.21 12.19 -15.49
CA LYS F 5 -11.24 11.24 -15.14
C LYS F 5 -11.02 9.99 -15.97
N ASN F 6 -10.68 10.19 -17.24
CA ASN F 6 -10.42 9.07 -18.16
C ASN F 6 -9.36 8.05 -17.74
N LEU F 7 -8.90 8.12 -16.50
CA LEU F 7 -7.98 7.11 -16.02
C LEU F 7 -8.92 6.05 -15.46
N VAL F 8 -10.22 6.32 -15.59
CA VAL F 8 -11.27 5.41 -15.14
C VAL F 8 -11.62 4.50 -16.27
N LEU F 9 -11.32 3.23 -16.09
CA LEU F 9 -11.62 2.24 -17.10
C LEU F 9 -13.07 1.77 -17.03
N ASP F 10 -13.73 1.95 -15.90
CA ASP F 10 -15.10 1.42 -15.76
C ASP F 10 -15.65 1.73 -14.39
N ILE F 11 -16.96 1.60 -14.26
CA ILE F 11 -17.64 1.82 -13.00
C ILE F 11 -18.89 0.99 -13.04
N ASP F 12 -18.94 -0.01 -12.17
CA ASP F 12 -20.12 -0.88 -12.07
C ASP F 12 -20.40 -0.94 -10.57
N TYR F 13 -21.46 -1.64 -10.17
CA TYR F 13 -21.80 -1.71 -8.76
C TYR F 13 -22.33 -3.07 -8.47
N ASN F 14 -23.07 -3.16 -7.37
CA ASN F 14 -23.77 -4.37 -6.90
C ASN F 14 -24.59 -4.05 -5.64
N ASP F 15 -25.24 -5.07 -5.10
CA ASP F 15 -26.04 -4.91 -3.89
C ASP F 15 -25.36 -4.13 -2.75
N ALA F 16 -24.03 -4.26 -2.65
CA ALA F 16 -23.24 -3.64 -1.57
C ALA F 16 -22.25 -2.52 -1.86
N VAL F 17 -21.63 -2.55 -3.03
CA VAL F 17 -20.62 -1.56 -3.36
C VAL F 17 -20.61 -1.13 -4.81
N VAL F 18 -20.00 0.02 -5.05
CA VAL F 18 -19.86 0.56 -6.38
C VAL F 18 -18.35 0.44 -6.66
N VAL F 19 -18.00 -0.31 -7.70
CA VAL F 19 -16.60 -0.55 -8.04
C VAL F 19 -16.21 0.27 -9.26
N ILE F 20 -14.95 0.72 -9.24
CA ILE F 20 -14.34 1.49 -10.31
C ILE F 20 -13.10 0.70 -10.68
N HIS F 21 -12.61 0.83 -11.88
CA HIS F 21 -11.43 0.09 -12.25
C HIS F 21 -10.66 1.14 -12.96
N THR F 22 -9.40 1.28 -12.57
CA THR F 22 -8.51 2.32 -13.11
C THR F 22 -7.32 1.91 -13.96
N SER F 23 -6.73 2.91 -14.63
CA SER F 23 -5.53 2.70 -15.43
C SER F 23 -4.51 2.59 -14.32
N PRO F 24 -3.81 1.46 -14.26
CA PRO F 24 -2.77 1.10 -13.28
C PRO F 24 -2.11 2.27 -12.49
N GLY F 25 -2.33 2.28 -11.19
CA GLY F 25 -1.76 3.35 -10.39
C GLY F 25 -2.66 4.57 -10.23
N ALA F 26 -3.67 4.71 -11.05
CA ALA F 26 -4.54 5.87 -10.89
C ALA F 26 -5.55 5.67 -9.76
N ALA F 27 -5.81 4.41 -9.40
CA ALA F 27 -6.77 4.04 -8.35
C ALA F 27 -6.88 5.02 -7.20
N GLN F 28 -5.79 5.22 -6.45
CA GLN F 28 -5.79 6.11 -5.31
C GLN F 28 -5.96 7.58 -5.66
N LEU F 29 -5.58 7.99 -6.87
CA LEU F 29 -5.75 9.39 -7.28
C LEU F 29 -7.23 9.60 -7.44
N ILE F 30 -7.91 8.62 -8.04
CA ILE F 30 -9.37 8.70 -8.18
C ILE F 30 -10.00 8.53 -6.79
N ALA F 31 -9.35 7.73 -5.96
CA ALA F 31 -9.80 7.49 -4.62
C ALA F 31 -9.79 8.81 -3.91
N ARG F 32 -8.69 9.55 -4.01
CA ARG F 32 -8.60 10.86 -3.36
C ARG F 32 -9.74 11.78 -3.80
N LEU F 33 -10.24 11.58 -5.03
CA LEU F 33 -11.32 12.41 -5.51
C LEU F 33 -12.59 12.05 -4.76
N LEU F 34 -12.91 10.76 -4.64
CA LEU F 34 -14.13 10.34 -3.91
C LEU F 34 -14.18 10.90 -2.49
N ASP F 35 -13.04 10.86 -1.77
CA ASP F 35 -12.91 11.37 -0.39
C ASP F 35 -13.33 12.87 -0.29
N SER F 36 -13.51 13.50 -1.45
CA SER F 36 -13.93 14.89 -1.49
C SER F 36 -15.45 14.98 -1.35
N LEU F 37 -16.13 13.86 -1.58
CA LEU F 37 -17.58 13.82 -1.49
C LEU F 37 -18.12 13.39 -0.14
N GLY F 38 -17.61 12.25 0.35
CA GLY F 38 -18.01 11.71 1.65
C GLY F 38 -19.49 11.47 1.86
N LYS F 39 -19.84 11.26 3.13
CA LYS F 39 -21.22 11.01 3.54
C LYS F 39 -22.13 11.98 2.82
N ALA F 40 -21.60 13.18 2.63
CA ALA F 40 -22.28 14.25 1.95
C ALA F 40 -23.08 13.69 0.78
N GLU F 41 -22.36 13.10 -0.18
CA GLU F 41 -22.98 12.52 -1.38
C GLU F 41 -23.27 11.03 -1.28
N GLY F 42 -23.52 10.55 -0.07
CA GLY F 42 -23.82 9.15 0.10
C GLY F 42 -22.63 8.23 -0.10
N ILE F 43 -21.45 8.75 0.19
CA ILE F 43 -20.23 7.98 0.10
C ILE F 43 -19.85 7.80 1.56
N LEU F 44 -20.17 6.64 2.10
CA LEU F 44 -19.89 6.38 3.49
C LEU F 44 -18.41 6.12 3.64
N GLY F 45 -17.87 5.42 2.67
CA GLY F 45 -16.47 5.06 2.70
C GLY F 45 -15.96 4.73 1.30
N THR F 46 -14.65 4.62 1.15
CA THR F 46 -14.06 4.34 -0.14
C THR F 46 -12.66 3.79 0.14
N ILE F 47 -12.30 2.69 -0.53
CA ILE F 47 -10.96 2.10 -0.41
C ILE F 47 -10.39 1.73 -1.80
N ALA F 48 -9.12 2.05 -2.07
CA ALA F 48 -8.52 1.71 -3.36
C ALA F 48 -7.50 0.60 -3.20
N GLY F 49 -7.28 -0.15 -4.26
CA GLY F 49 -6.30 -1.23 -4.26
C GLY F 49 -5.40 -0.96 -5.45
N ASP F 50 -5.20 -2.01 -6.28
CA ASP F 50 -4.34 -1.99 -7.51
C ASP F 50 -4.75 -1.01 -8.64
N ASP F 51 -6.05 -0.97 -8.87
CA ASP F 51 -6.70 -0.15 -9.85
C ASP F 51 -8.16 -0.62 -9.79
N THR F 52 -8.55 -0.98 -8.56
CA THR F 52 -9.90 -1.41 -8.28
C THR F 52 -10.29 -0.66 -7.01
N ILE F 53 -11.28 0.21 -7.16
CA ILE F 53 -11.82 1.04 -6.09
C ILE F 53 -12.98 0.23 -5.50
N PHE F 54 -13.36 0.52 -4.26
CA PHE F 54 -14.46 -0.17 -3.63
C PHE F 54 -15.12 0.92 -2.84
N THR F 55 -16.20 1.46 -3.34
CA THR F 55 -16.89 2.51 -2.62
C THR F 55 -18.28 2.02 -2.13
N THR F 56 -18.80 2.58 -1.02
CA THR F 56 -20.08 2.12 -0.47
C THR F 56 -20.98 3.28 0.06
N PRO F 57 -22.29 3.31 -0.34
CA PRO F 57 -23.33 4.29 -0.01
C PRO F 57 -23.70 4.48 1.39
N ALA F 58 -24.06 5.72 1.71
CA ALA F 58 -24.45 6.14 3.07
C ALA F 58 -25.90 5.87 3.32
N ASN F 59 -26.24 5.61 4.59
CA ASN F 59 -27.62 5.31 4.94
C ASN F 59 -28.50 6.37 4.31
N GLY F 60 -29.54 5.93 3.65
CA GLY F 60 -30.42 6.87 3.01
C GLY F 60 -30.01 7.08 1.59
N PHE F 61 -29.16 6.19 1.11
CA PHE F 61 -28.62 6.17 -0.25
C PHE F 61 -28.52 4.75 -0.75
N THR F 62 -28.67 4.54 -2.03
CA THR F 62 -28.59 3.19 -2.55
C THR F 62 -27.47 3.11 -3.56
N VAL F 63 -27.07 1.88 -3.94
CA VAL F 63 -26.00 1.71 -4.92
C VAL F 63 -26.30 2.45 -6.25
N LYS F 64 -27.51 2.33 -6.79
CA LYS F 64 -27.83 3.03 -8.03
C LYS F 64 -27.62 4.50 -7.77
N ASP F 65 -27.97 4.96 -6.57
CA ASP F 65 -27.81 6.37 -6.25
C ASP F 65 -26.32 6.76 -6.35
N LEU F 66 -25.42 5.87 -5.88
CA LEU F 66 -23.94 6.07 -5.87
C LEU F 66 -23.42 6.12 -7.29
N TYR F 67 -23.56 4.99 -7.95
CA TYR F 67 -23.22 4.78 -9.34
C TYR F 67 -23.88 5.90 -10.18
N GLU F 68 -24.85 6.62 -9.60
CA GLU F 68 -25.52 7.75 -10.26
C GLU F 68 -24.75 9.06 -9.95
N ALA F 69 -24.24 9.20 -8.73
CA ALA F 69 -23.50 10.42 -8.31
C ALA F 69 -21.99 10.45 -8.54
N ILE F 70 -21.41 9.27 -8.73
CA ILE F 70 -19.98 9.11 -9.02
C ILE F 70 -19.94 9.26 -10.53
N LEU F 71 -20.87 8.56 -11.19
CA LEU F 71 -21.00 8.61 -12.63
C LEU F 71 -21.35 10.00 -13.02
N GLU F 72 -21.89 10.78 -12.09
CA GLU F 72 -22.23 12.15 -12.42
C GLU F 72 -21.00 13.05 -12.26
N LEU F 73 -20.11 12.70 -11.33
CA LEU F 73 -18.88 13.46 -11.06
C LEU F 73 -17.88 13.33 -12.21
N PHE F 74 -18.00 12.22 -12.93
CA PHE F 74 -17.16 11.90 -14.08
C PHE F 74 -17.89 12.23 -15.39
#